data_4XW3
#
_entry.id   4XW3
#
_cell.length_a   45.060
_cell.length_b   76.140
_cell.length_c   122.660
_cell.angle_alpha   90.000
_cell.angle_beta   90.000
_cell.angle_gamma   90.000
#
_symmetry.space_group_name_H-M   'P 21 21 21'
#
loop_
_entity.id
_entity.type
_entity.pdbx_description
1 polymer 'ATP-dependent RNA helicase DDX1'
2 water water
#
_entity_poly.entity_id   1
_entity_poly.type   'polypeptide(L)'
_entity_poly.pdbx_seq_one_letter_code
;GSQEGKKGKTTIKTGASVLNKWQMNPYDRGSAFAIGSDGLCCQSREVKEWHGCRATKGLMKGKHYYEVSCHDQGLCRVGW
STMQASLDLGTDKFGFGFGGTGKKSHNKQFDNYGEEFTMHDTIGCYLDIDKGHVKFSKNGKDLGLAFEIPPHMKNQALFP
ACVLKNAELKFNFGEEEFKFPPKDGFVALSKAPDGYIVKSQHSGNAQVTQTKFLEHHHHHH
;
_entity_poly.pdbx_strand_id   A,B
#
# COMPACT_ATOMS: atom_id res chain seq x y z
N SER A 17 -23.99 10.19 -9.10
CA SER A 17 -22.70 10.79 -8.65
C SER A 17 -22.27 10.26 -7.28
N VAL A 18 -23.22 9.70 -6.53
CA VAL A 18 -22.94 9.20 -5.17
C VAL A 18 -22.10 7.92 -5.21
N LEU A 19 -22.40 7.02 -6.16
CA LEU A 19 -21.66 5.76 -6.31
C LEU A 19 -20.27 5.92 -6.95
N ASN A 20 -20.01 7.10 -7.51
CA ASN A 20 -18.70 7.41 -8.12
C ASN A 20 -17.60 7.65 -7.10
N LYS A 21 -18.00 7.89 -5.86
CA LYS A 21 -17.10 8.28 -4.77
C LYS A 21 -16.98 7.15 -3.77
N TRP A 22 -15.80 7.00 -3.16
CA TRP A 22 -15.64 6.10 -2.02
C TRP A 22 -16.28 6.69 -0.76
N GLN A 23 -17.44 6.17 -0.37
CA GLN A 23 -18.14 6.67 0.81
C GLN A 23 -19.15 5.64 1.30
N MET A 24 -19.81 5.94 2.42
CA MET A 24 -20.90 5.09 2.90
C MET A 24 -22.16 5.36 2.07
N ASN A 25 -22.94 4.32 1.80
CA ASN A 25 -24.00 4.41 0.80
C ASN A 25 -25.35 4.78 1.43
N PRO A 26 -25.86 5.99 1.13
CA PRO A 26 -27.16 6.41 1.67
C PRO A 26 -28.30 5.53 1.16
N TYR A 27 -28.06 4.84 0.03
CA TYR A 27 -29.04 3.93 -0.57
C TYR A 27 -28.95 2.49 -0.04
N ASP A 28 -28.08 2.24 0.92
CA ASP A 28 -27.84 0.89 1.42
C ASP A 28 -27.58 0.95 2.93
N ARG A 29 -28.63 1.27 3.69
CA ARG A 29 -28.49 1.53 5.13
C ARG A 29 -29.79 1.28 5.91
N GLY A 30 -29.66 1.01 7.21
CA GLY A 30 -30.82 0.95 8.10
C GLY A 30 -31.54 2.30 8.19
N SER A 31 -32.78 2.27 8.69
CA SER A 31 -33.62 3.46 8.79
C SER A 31 -33.03 4.53 9.74
N ALA A 32 -32.38 4.10 10.82
CA ALA A 32 -31.81 5.05 11.79
C ALA A 32 -30.33 5.41 11.54
N PHE A 33 -29.77 4.87 10.45
CA PHE A 33 -28.38 5.10 10.14
C PHE A 33 -28.24 6.43 9.38
N ALA A 34 -27.40 7.32 9.91
CA ALA A 34 -27.26 8.65 9.36
C ALA A 34 -25.83 8.84 8.89
N ILE A 35 -25.67 9.49 7.75
CA ILE A 35 -24.38 9.72 7.12
C ILE A 35 -24.16 11.22 6.96
N GLY A 36 -23.01 11.71 7.42
CA GLY A 36 -22.68 13.14 7.32
C GLY A 36 -22.50 13.61 5.89
N SER A 37 -22.41 14.90 5.68
CA SER A 37 -22.26 15.42 4.31
C SER A 37 -20.91 15.07 3.66
N ASP A 38 -19.95 14.61 4.46
CA ASP A 38 -18.69 14.12 3.93
C ASP A 38 -18.79 12.70 3.36
N GLY A 39 -19.85 12.00 3.75
CA GLY A 39 -20.07 10.62 3.36
C GLY A 39 -19.31 9.62 4.21
N LEU A 40 -18.69 10.09 5.28
CA LEU A 40 -17.72 9.28 6.03
C LEU A 40 -18.02 9.19 7.52
N CYS A 41 -18.57 10.25 8.08
CA CYS A 41 -18.96 10.24 9.48
C CYS A 41 -20.39 9.72 9.59
N CYS A 42 -20.52 8.61 10.30
CA CYS A 42 -21.78 7.88 10.40
C CYS A 42 -22.20 7.72 11.84
N GLN A 43 -23.51 7.74 12.08
CA GLN A 43 -24.05 7.47 13.41
C GLN A 43 -25.43 6.79 13.36
N SER A 44 -25.75 6.05 14.41
CA SER A 44 -27.11 5.55 14.61
C SER A 44 -27.43 5.76 16.08
N ARG A 45 -28.52 6.47 16.35
CA ARG A 45 -28.85 6.93 17.70
C ARG A 45 -30.02 6.19 18.35
N GLU A 46 -30.53 5.16 17.69
CA GLU A 46 -31.54 4.28 18.29
C GLU A 46 -30.90 3.42 19.38
N VAL A 47 -31.45 3.48 20.58
CA VAL A 47 -30.84 2.93 21.79
C VAL A 47 -30.76 1.40 21.85
N LYS A 48 -31.79 0.72 21.34
CA LYS A 48 -31.89 -0.73 21.47
C LYS A 48 -31.88 -1.49 20.15
N GLU A 49 -31.49 -0.81 19.07
CA GLU A 49 -31.50 -1.42 17.74
C GLU A 49 -30.16 -1.27 17.04
N TRP A 50 -29.77 -2.32 16.32
CA TRP A 50 -28.58 -2.29 15.47
C TRP A 50 -29.00 -1.78 14.08
N HIS A 51 -28.23 -0.82 13.56
CA HIS A 51 -28.47 -0.28 12.21
C HIS A 51 -27.16 -0.25 11.47
N GLY A 52 -27.17 -0.74 10.23
CA GLY A 52 -25.95 -0.93 9.46
C GLY A 52 -25.90 -0.22 8.12
N CYS A 53 -24.73 -0.27 7.48
CA CYS A 53 -24.52 0.33 6.16
C CYS A 53 -23.38 -0.38 5.40
N ARG A 54 -23.35 -0.25 4.07
CA ARG A 54 -22.19 -0.67 3.28
C ARG A 54 -21.68 0.51 2.46
N ALA A 55 -20.42 0.45 2.06
CA ALA A 55 -19.85 1.45 1.15
C ALA A 55 -20.46 1.38 -0.25
N THR A 56 -20.25 2.44 -1.04
CA THR A 56 -20.75 2.55 -2.40
C THR A 56 -20.05 1.62 -3.38
N LYS A 57 -18.86 1.15 -3.00
CA LYS A 57 -18.02 0.36 -3.89
C LYS A 57 -17.41 -0.83 -3.17
N GLY A 58 -17.06 -1.86 -3.94
CA GLY A 58 -16.53 -3.09 -3.34
C GLY A 58 -15.31 -3.57 -4.09
N LEU A 59 -14.57 -4.49 -3.47
CA LEU A 59 -13.29 -4.96 -3.96
C LEU A 59 -13.38 -6.38 -4.50
N MET A 60 -12.85 -6.59 -5.71
CA MET A 60 -12.84 -7.90 -6.37
C MET A 60 -11.47 -8.58 -6.40
N LYS A 61 -10.40 -7.79 -6.35
CA LYS A 61 -9.02 -8.32 -6.37
C LYS A 61 -8.07 -7.37 -5.66
N GLY A 62 -6.95 -7.89 -5.17
CA GLY A 62 -5.92 -7.04 -4.56
C GLY A 62 -5.82 -7.04 -3.04
N LYS A 63 -4.83 -6.28 -2.54
CA LYS A 63 -4.60 -6.15 -1.11
C LYS A 63 -4.85 -4.72 -0.67
N HIS A 64 -5.90 -4.51 0.12
CA HIS A 64 -6.29 -3.15 0.43
C HIS A 64 -6.67 -2.94 1.90
N TYR A 65 -6.80 -1.67 2.25
CA TYR A 65 -6.90 -1.25 3.65
C TYR A 65 -7.79 -0.01 3.77
N TYR A 66 -8.58 0.03 4.85
CA TYR A 66 -9.23 1.27 5.24
C TYR A 66 -9.16 1.39 6.77
N GLU A 67 -9.46 2.58 7.27
CA GLU A 67 -9.43 2.86 8.71
C GLU A 67 -10.80 3.34 9.15
N VAL A 68 -11.14 3.06 10.41
CA VAL A 68 -12.35 3.60 11.03
C VAL A 68 -12.00 4.07 12.44
N SER A 69 -12.50 5.25 12.80
CA SER A 69 -12.27 5.81 14.14
C SER A 69 -13.57 5.82 14.94
N CYS A 70 -13.51 5.40 16.21
CA CYS A 70 -14.68 5.43 17.09
C CYS A 70 -14.76 6.80 17.79
N HIS A 71 -15.94 7.40 17.73
CA HIS A 71 -16.14 8.75 18.27
C HIS A 71 -16.85 8.79 19.62
N ASP A 72 -17.47 7.68 20.03
CA ASP A 72 -18.07 7.59 21.36
C ASP A 72 -18.05 6.18 21.94
N GLN A 73 -18.85 5.94 22.97
CA GLN A 73 -18.79 4.69 23.72
C GLN A 73 -19.82 3.64 23.28
N GLY A 74 -20.55 3.92 22.20
CA GLY A 74 -21.58 3.01 21.72
C GLY A 74 -21.02 1.75 21.10
N LEU A 75 -21.89 0.77 20.86
CA LEU A 75 -21.47 -0.51 20.29
C LEU A 75 -21.39 -0.46 18.77
N CYS A 76 -20.42 -1.17 18.21
CA CYS A 76 -20.25 -1.19 16.77
C CYS A 76 -19.51 -2.44 16.32
N ARG A 77 -19.72 -2.82 15.07
CA ARG A 77 -18.91 -3.83 14.41
C ARG A 77 -18.52 -3.30 13.05
N VAL A 78 -17.28 -3.56 12.65
CA VAL A 78 -16.77 -3.09 11.36
C VAL A 78 -16.15 -4.28 10.61
N GLY A 79 -16.16 -4.22 9.29
CA GLY A 79 -15.55 -5.29 8.49
C GLY A 79 -15.98 -5.18 7.04
N TRP A 80 -16.41 -6.31 6.48
CA TRP A 80 -16.66 -6.42 5.04
C TRP A 80 -17.83 -7.36 4.84
N SER A 81 -18.64 -7.09 3.81
CA SER A 81 -19.71 -8.03 3.46
C SER A 81 -19.99 -8.00 1.95
N THR A 82 -20.63 -9.04 1.44
CA THR A 82 -21.01 -9.02 0.04
C THR A 82 -22.41 -8.41 -0.11
N MET A 83 -22.85 -8.23 -1.34
CA MET A 83 -24.18 -7.69 -1.63
C MET A 83 -25.32 -8.61 -1.14
N GLN A 84 -25.05 -9.91 -1.01
CA GLN A 84 -26.04 -10.86 -0.46
C GLN A 84 -26.26 -10.78 1.06
N ALA A 85 -25.39 -10.04 1.76
CA ALA A 85 -25.37 -10.06 3.23
C ALA A 85 -26.43 -9.16 3.86
N SER A 86 -26.87 -9.56 5.05
CA SER A 86 -27.65 -8.67 5.92
C SER A 86 -26.81 -7.44 6.32
N LEU A 87 -27.45 -6.30 6.55
CA LEU A 87 -26.70 -5.11 7.03
C LEU A 87 -26.34 -5.28 8.51
N ASP A 88 -26.92 -6.31 9.13
CA ASP A 88 -26.56 -6.69 10.48
C ASP A 88 -25.31 -7.56 10.35
N LEU A 89 -24.19 -6.86 10.16
CA LEU A 89 -22.87 -7.44 9.88
C LEU A 89 -22.45 -8.60 10.77
N GLY A 90 -22.13 -9.73 10.14
CA GLY A 90 -21.63 -10.90 10.86
C GLY A 90 -22.69 -11.90 11.27
N THR A 91 -23.95 -11.57 11.01
CA THR A 91 -25.05 -12.47 11.40
C THR A 91 -25.40 -13.47 10.31
N ASP A 92 -24.69 -13.44 9.19
CA ASP A 92 -24.89 -14.47 8.15
C ASP A 92 -23.56 -14.90 7.52
N LYS A 93 -23.61 -15.82 6.56
CA LYS A 93 -22.38 -16.34 5.93
C LYS A 93 -21.74 -15.42 4.88
N PHE A 94 -22.28 -14.22 4.72
CA PHE A 94 -21.77 -13.30 3.69
C PHE A 94 -21.07 -12.06 4.26
N GLY A 95 -20.87 -12.05 5.58
CA GLY A 95 -20.25 -10.92 6.24
C GLY A 95 -19.24 -11.28 7.32
N PHE A 96 -18.25 -10.40 7.50
CA PHE A 96 -17.22 -10.54 8.52
C PHE A 96 -17.21 -9.26 9.34
N GLY A 97 -17.32 -9.39 10.66
CA GLY A 97 -17.24 -8.21 11.52
C GLY A 97 -16.27 -8.33 12.67
N PHE A 98 -15.76 -7.18 13.09
CA PHE A 98 -14.95 -7.07 14.31
C PHE A 98 -15.62 -6.04 15.19
N GLY A 99 -15.92 -6.42 16.43
CA GLY A 99 -16.71 -5.60 17.33
C GLY A 99 -15.96 -5.12 18.54
N GLY A 100 -16.42 -3.98 19.07
CA GLY A 100 -15.77 -3.29 20.19
C GLY A 100 -15.59 -4.05 21.48
N THR A 101 -16.32 -5.14 21.65
CA THR A 101 -16.15 -6.00 22.82
C THR A 101 -15.04 -7.04 22.66
N GLY A 102 -14.36 -7.03 21.51
CA GLY A 102 -13.24 -7.94 21.28
C GLY A 102 -13.75 -9.26 20.76
N LYS A 103 -14.66 -9.20 19.80
CA LYS A 103 -15.23 -10.40 19.21
C LYS A 103 -15.29 -10.27 17.69
N LYS A 104 -14.98 -11.36 17.00
CA LYS A 104 -15.18 -11.38 15.56
C LYS A 104 -16.49 -12.13 15.28
N SER A 105 -17.20 -11.73 14.23
CA SER A 105 -18.50 -12.33 13.93
C SER A 105 -18.62 -12.76 12.47
N HIS A 106 -19.22 -13.92 12.27
CA HIS A 106 -19.48 -14.47 10.94
C HIS A 106 -20.47 -15.60 11.15
N ASN A 107 -21.47 -15.68 10.27
CA ASN A 107 -22.53 -16.69 10.34
C ASN A 107 -23.17 -16.82 11.72
N LYS A 108 -23.45 -15.66 12.34
CA LYS A 108 -24.06 -15.61 13.68
C LYS A 108 -23.17 -16.15 14.83
N GLN A 109 -21.93 -16.52 14.52
CA GLN A 109 -20.99 -16.97 15.55
C GLN A 109 -20.09 -15.82 15.95
N PHE A 110 -20.04 -15.55 17.25
CA PHE A 110 -19.19 -14.49 17.80
C PHE A 110 -18.08 -15.14 18.61
N ASP A 111 -16.84 -14.94 18.19
CA ASP A 111 -15.70 -15.58 18.83
C ASP A 111 -14.75 -14.53 19.36
N ASN A 112 -14.06 -14.85 20.45
CA ASN A 112 -13.02 -13.95 20.97
C ASN A 112 -11.94 -13.70 19.92
N TYR A 113 -11.64 -12.44 19.68
CA TYR A 113 -10.61 -12.06 18.73
C TYR A 113 -10.08 -10.69 19.09
N GLY A 114 -8.76 -10.52 19.00
CA GLY A 114 -8.15 -9.21 19.09
C GLY A 114 -8.28 -8.59 20.46
N GLU A 115 -8.69 -7.34 20.49
CA GLU A 115 -8.71 -6.56 21.73
C GLU A 115 -10.04 -5.81 21.78
N GLU A 116 -10.43 -5.33 22.95
CA GLU A 116 -11.58 -4.44 23.05
C GLU A 116 -11.19 -3.10 22.41
N PHE A 117 -12.18 -2.36 21.92
CA PHE A 117 -11.92 -1.01 21.44
C PHE A 117 -13.10 -0.07 21.67
N THR A 118 -12.85 1.23 21.64
CA THR A 118 -13.84 2.22 22.02
C THR A 118 -13.41 3.61 21.54
N MET A 119 -14.09 4.63 22.05
CA MET A 119 -13.79 6.03 21.78
C MET A 119 -12.29 6.33 21.71
N HIS A 120 -11.89 7.03 20.65
CA HIS A 120 -10.51 7.47 20.38
C HIS A 120 -9.64 6.40 19.73
N ASP A 121 -10.16 5.18 19.61
CA ASP A 121 -9.43 4.11 18.94
C ASP A 121 -9.68 4.12 17.44
N THR A 122 -8.67 3.64 16.70
CA THR A 122 -8.71 3.56 15.25
C THR A 122 -8.48 2.10 14.89
N ILE A 123 -9.40 1.56 14.09
CA ILE A 123 -9.29 0.19 13.64
C ILE A 123 -8.89 0.18 12.18
N GLY A 124 -7.83 -0.54 11.87
CA GLY A 124 -7.42 -0.74 10.49
C GLY A 124 -7.98 -2.05 10.00
N CYS A 125 -8.57 -2.01 8.81
CA CYS A 125 -9.23 -3.17 8.23
C CYS A 125 -8.50 -3.59 6.97
N TYR A 126 -7.88 -4.77 7.03
CA TYR A 126 -7.04 -5.27 5.94
C TYR A 126 -7.80 -6.35 5.16
N LEU A 127 -7.73 -6.28 3.84
CA LEU A 127 -8.32 -7.33 3.02
C LEU A 127 -7.38 -7.74 1.90
N ASP A 128 -6.98 -9.00 1.91
CA ASP A 128 -6.20 -9.60 0.83
C ASP A 128 -7.10 -10.59 0.10
N ILE A 129 -7.71 -10.13 -1.00
CA ILE A 129 -8.58 -10.98 -1.82
C ILE A 129 -7.83 -12.14 -2.45
N ASP A 130 -6.61 -11.89 -2.91
CA ASP A 130 -5.85 -12.89 -3.66
C ASP A 130 -5.46 -14.10 -2.79
N LYS A 131 -5.08 -13.84 -1.55
CA LYS A 131 -4.79 -14.91 -0.57
C LYS A 131 -6.03 -15.34 0.23
N GLY A 132 -7.08 -14.53 0.19
CA GLY A 132 -8.32 -14.80 0.91
C GLY A 132 -8.24 -14.58 2.41
N HIS A 133 -7.66 -13.46 2.82
CA HIS A 133 -7.36 -13.16 4.23
C HIS A 133 -7.98 -11.85 4.70
N VAL A 134 -8.62 -11.89 5.88
CA VAL A 134 -9.20 -10.71 6.52
C VAL A 134 -8.51 -10.53 7.87
N LYS A 135 -8.00 -9.35 8.14
CA LYS A 135 -7.40 -9.08 9.45
C LYS A 135 -7.56 -7.62 9.85
N PHE A 136 -7.28 -7.33 11.11
CA PHE A 136 -7.52 -6.00 11.67
C PHE A 136 -6.33 -5.54 12.51
N SER A 137 -6.19 -4.23 12.65
CA SER A 137 -5.24 -3.67 13.59
C SER A 137 -5.97 -2.74 14.54
N LYS A 138 -5.43 -2.52 15.73
CA LYS A 138 -5.98 -1.53 16.66
C LYS A 138 -4.86 -0.57 17.02
N ASN A 139 -5.05 0.70 16.68
CA ASN A 139 -4.02 1.71 16.90
C ASN A 139 -2.64 1.24 16.39
N GLY A 140 -2.64 0.60 15.22
CA GLY A 140 -1.41 0.14 14.58
C GLY A 140 -0.87 -1.21 15.05
N LYS A 141 -1.51 -1.80 16.05
CA LYS A 141 -1.11 -3.11 16.55
C LYS A 141 -1.83 -4.20 15.74
N ASP A 142 -1.07 -5.10 15.14
CA ASP A 142 -1.60 -6.21 14.35
C ASP A 142 -2.32 -7.17 15.29
N LEU A 143 -3.60 -7.42 15.02
CA LEU A 143 -4.41 -8.31 15.88
C LEU A 143 -4.43 -9.75 15.38
N GLY A 144 -3.88 -9.96 14.20
CA GLY A 144 -3.77 -11.30 13.63
C GLY A 144 -4.86 -11.60 12.61
N LEU A 145 -4.69 -12.72 11.91
CA LEU A 145 -5.64 -13.20 10.93
C LEU A 145 -6.98 -13.50 11.61
N ALA A 146 -8.04 -12.83 11.16
CA ALA A 146 -9.39 -13.04 11.73
C ALA A 146 -10.20 -14.05 10.93
N PHE A 147 -10.17 -13.92 9.61
CA PHE A 147 -10.95 -14.84 8.76
C PHE A 147 -10.21 -15.20 7.49
N GLU A 148 -10.51 -16.40 7.00
CA GLU A 148 -10.18 -16.80 5.65
C GLU A 148 -11.48 -16.73 4.84
N ILE A 149 -11.39 -16.28 3.60
CA ILE A 149 -12.53 -16.27 2.70
C ILE A 149 -12.89 -17.71 2.31
N PRO A 150 -14.12 -18.15 2.67
CA PRO A 150 -14.55 -19.52 2.44
C PRO A 150 -14.89 -19.76 0.96
N PRO A 151 -14.85 -21.01 0.50
CA PRO A 151 -15.16 -21.35 -0.89
C PRO A 151 -16.44 -20.70 -1.43
N HIS A 152 -17.50 -20.66 -0.62
CA HIS A 152 -18.80 -20.16 -1.08
C HIS A 152 -18.79 -18.65 -1.39
N MET A 153 -17.78 -17.95 -0.87
CA MET A 153 -17.63 -16.51 -1.02
C MET A 153 -16.66 -16.07 -2.13
N LYS A 154 -16.01 -17.03 -2.78
CA LYS A 154 -15.02 -16.73 -3.82
C LYS A 154 -15.63 -16.06 -5.04
N ASN A 155 -14.88 -15.12 -5.64
CA ASN A 155 -15.33 -14.38 -6.82
C ASN A 155 -16.51 -13.42 -6.57
N GLN A 156 -16.71 -13.07 -5.31
CA GLN A 156 -17.77 -12.13 -4.93
C GLN A 156 -17.15 -10.91 -4.29
N ALA A 157 -17.57 -9.73 -4.75
CA ALA A 157 -16.99 -8.48 -4.26
C ALA A 157 -17.34 -8.20 -2.79
N LEU A 158 -16.34 -7.74 -2.05
CA LEU A 158 -16.47 -7.39 -0.63
C LEU A 158 -16.45 -5.88 -0.42
N PHE A 159 -17.48 -5.39 0.28
CA PHE A 159 -17.71 -3.97 0.51
C PHE A 159 -17.42 -3.67 1.97
N PRO A 160 -16.75 -2.54 2.28
CA PRO A 160 -16.69 -2.09 3.68
C PRO A 160 -18.10 -1.97 4.28
N ALA A 161 -18.22 -2.34 5.54
CA ALA A 161 -19.53 -2.44 6.18
C ALA A 161 -19.37 -2.16 7.67
N CYS A 162 -20.42 -1.63 8.27
CA CYS A 162 -20.48 -1.50 9.72
C CYS A 162 -21.90 -1.67 10.21
N VAL A 163 -22.04 -1.91 11.50
CA VAL A 163 -23.34 -1.91 12.15
C VAL A 163 -23.15 -1.27 13.52
N LEU A 164 -24.11 -0.43 13.91
CA LEU A 164 -23.97 0.43 15.08
C LEU A 164 -25.17 0.33 15.99
N LYS A 165 -24.92 0.44 17.28
CA LYS A 165 -25.97 0.54 18.27
C LYS A 165 -25.66 1.74 19.16
N ASN A 166 -26.30 2.86 18.85
CA ASN A 166 -26.12 4.12 19.58
C ASN A 166 -24.65 4.53 19.59
N ALA A 167 -24.08 4.58 18.39
CA ALA A 167 -22.65 4.79 18.18
C ALA A 167 -22.38 5.72 17.00
N GLU A 168 -21.17 6.28 16.97
CA GLU A 168 -20.71 7.15 15.87
C GLU A 168 -19.30 6.72 15.43
N LEU A 169 -19.10 6.56 14.12
CA LEU A 169 -17.79 6.19 13.55
C LEU A 169 -17.45 7.11 12.38
N LYS A 170 -16.15 7.22 12.08
CA LYS A 170 -15.72 7.92 10.87
C LYS A 170 -14.80 7.03 10.04
N PHE A 171 -15.19 6.82 8.78
CA PHE A 171 -14.40 6.02 7.85
C PHE A 171 -13.32 6.85 7.16
N ASN A 172 -12.23 6.19 6.80
CA ASN A 172 -11.23 6.78 5.95
C ASN A 172 -10.82 5.71 4.95
N PHE A 173 -11.19 5.91 3.68
CA PHE A 173 -10.85 4.94 2.63
C PHE A 173 -9.51 5.22 1.97
N GLY A 174 -8.86 6.31 2.37
CA GLY A 174 -7.55 6.67 1.84
C GLY A 174 -7.45 8.08 1.30
N GLU A 175 -8.56 8.80 1.32
CA GLU A 175 -8.58 10.14 0.78
C GLU A 175 -8.06 11.17 1.77
N GLU A 176 -8.00 10.78 3.05
CA GLU A 176 -7.28 11.55 4.08
C GLU A 176 -6.10 10.75 4.61
N GLU A 177 -5.13 11.45 5.21
CA GLU A 177 -3.98 10.81 5.87
C GLU A 177 -4.44 9.69 6.82
N PHE A 178 -3.86 8.50 6.68
CA PHE A 178 -4.13 7.41 7.65
C PHE A 178 -3.41 7.70 8.96
N LYS A 179 -4.08 7.44 10.08
CA LYS A 179 -3.47 7.58 11.39
C LYS A 179 -2.39 6.51 11.58
N PHE A 180 -2.67 5.30 11.07
CA PHE A 180 -1.71 4.20 11.12
C PHE A 180 -1.58 3.56 9.74
N PRO A 181 -0.68 4.10 8.88
CA PRO A 181 -0.51 3.57 7.52
C PRO A 181 -0.32 2.05 7.48
N PRO A 182 -0.91 1.38 6.47
CA PRO A 182 -0.92 -0.09 6.38
C PRO A 182 0.48 -0.69 6.17
N LYS A 183 0.67 -1.89 6.72
CA LYS A 183 1.91 -2.64 6.50
C LYS A 183 1.72 -3.69 5.41
N ASP A 184 2.81 -4.38 5.07
CA ASP A 184 2.80 -5.63 4.27
C ASP A 184 2.22 -5.55 2.84
N GLY A 185 2.37 -4.39 2.20
CA GLY A 185 1.95 -4.22 0.80
C GLY A 185 0.47 -3.95 0.59
N PHE A 186 -0.28 -3.74 1.68
CA PHE A 186 -1.66 -3.34 1.56
C PHE A 186 -1.65 -1.84 1.31
N VAL A 187 -2.57 -1.35 0.48
CA VAL A 187 -2.65 0.10 0.21
C VAL A 187 -4.08 0.59 0.34
N ALA A 188 -4.24 1.91 0.44
CA ALA A 188 -5.55 2.55 0.59
C ALA A 188 -6.56 1.97 -0.40
N LEU A 189 -7.71 1.58 0.13
CA LEU A 189 -8.79 1.07 -0.70
C LEU A 189 -9.20 2.04 -1.82
N SER A 190 -9.29 3.33 -1.49
CA SER A 190 -9.61 4.37 -2.48
C SER A 190 -8.62 4.48 -3.66
N LYS A 191 -7.45 3.87 -3.53
CA LYS A 191 -6.45 3.87 -4.60
C LYS A 191 -6.41 2.57 -5.40
N ALA A 192 -7.39 1.70 -5.17
CA ALA A 192 -7.48 0.47 -5.95
C ALA A 192 -7.79 0.76 -7.42
N PRO A 193 -7.15 0.03 -8.35
CA PRO A 193 -7.41 0.26 -9.78
C PRO A 193 -8.87 0.02 -10.15
N ASP A 194 -9.35 0.77 -11.13
CA ASP A 194 -10.75 0.76 -11.55
C ASP A 194 -11.29 -0.63 -11.87
N GLY A 195 -10.47 -1.44 -12.55
CA GLY A 195 -10.86 -2.79 -12.94
C GLY A 195 -10.98 -3.80 -11.79
N TYR A 196 -10.47 -3.46 -10.61
CA TYR A 196 -10.57 -4.34 -9.44
C TYR A 196 -11.71 -3.96 -8.49
N ILE A 197 -12.46 -2.93 -8.87
CA ILE A 197 -13.55 -2.36 -8.06
C ILE A 197 -14.89 -2.60 -8.74
N VAL A 198 -15.92 -2.76 -7.92
CA VAL A 198 -17.28 -3.03 -8.36
C VAL A 198 -18.24 -2.04 -7.68
N LYS A 199 -19.15 -1.44 -8.44
CA LYS A 199 -20.15 -0.52 -7.87
C LYS A 199 -21.22 -1.30 -7.08
N SER A 200 -21.79 -0.66 -6.07
CA SER A 200 -22.87 -1.28 -5.29
C SER A 200 -24.10 -1.55 -6.18
N GLN A 201 -24.86 -2.58 -5.83
CA GLN A 201 -26.13 -2.85 -6.51
C GLN A 201 -27.24 -1.93 -6.01
N HIS A 202 -26.98 -1.18 -4.94
CA HIS A 202 -27.97 -0.27 -4.38
C HIS A 202 -27.72 1.18 -4.79
N SER A 203 -28.58 1.68 -5.67
CA SER A 203 -28.43 3.03 -6.20
C SER A 203 -29.73 3.82 -6.23
N GLY A 204 -29.65 5.06 -6.73
CA GLY A 204 -30.81 5.94 -6.84
C GLY A 204 -30.42 7.31 -7.38
N ASN A 205 -31.31 8.28 -7.18
CA ASN A 205 -31.12 9.66 -7.61
C ASN A 205 -30.77 10.59 -6.45
N ALA A 206 -29.86 11.54 -6.69
CA ALA A 206 -29.41 12.46 -5.64
C ALA A 206 -29.69 13.92 -6.01
N SER B 17 34.56 13.32 -3.82
CA SER B 17 34.12 11.94 -3.44
C SER B 17 32.91 11.50 -4.25
N VAL B 18 32.66 10.19 -4.25
CA VAL B 18 31.57 9.60 -5.02
C VAL B 18 30.21 10.04 -4.45
N LEU B 19 30.16 10.25 -3.13
CA LEU B 19 28.91 10.56 -2.42
C LEU B 19 28.38 11.97 -2.67
N ASN B 20 29.16 12.80 -3.37
CA ASN B 20 28.75 14.18 -3.68
C ASN B 20 27.75 14.30 -4.83
N LYS B 21 27.68 13.28 -5.68
CA LYS B 21 26.73 13.27 -6.79
C LYS B 21 25.73 12.14 -6.72
N TRP B 22 24.60 12.31 -7.40
CA TRP B 22 23.59 11.27 -7.54
C TRP B 22 24.04 10.17 -8.52
N GLN B 23 24.33 9.00 -7.98
CA GLN B 23 24.72 7.86 -8.81
C GLN B 23 24.57 6.60 -7.97
N MET B 24 24.80 5.45 -8.60
CA MET B 24 24.85 4.20 -7.86
C MET B 24 26.17 4.11 -7.05
N ASN B 25 26.10 3.55 -5.86
CA ASN B 25 27.23 3.59 -4.95
C ASN B 25 28.16 2.37 -5.08
N PRO B 26 29.40 2.58 -5.57
CA PRO B 26 30.35 1.47 -5.70
C PRO B 26 30.79 0.89 -4.36
N TYR B 27 30.50 1.60 -3.27
CA TYR B 27 30.81 1.18 -1.91
C TYR B 27 29.62 0.48 -1.22
N ASP B 28 28.55 0.26 -1.97
CA ASP B 28 27.33 -0.36 -1.41
C ASP B 28 26.71 -1.28 -2.46
N ARG B 29 27.35 -2.41 -2.73
CA ARG B 29 26.90 -3.26 -3.87
C ARG B 29 27.31 -4.73 -3.71
N GLY B 30 26.61 -5.62 -4.42
CA GLY B 30 27.01 -7.02 -4.48
C GLY B 30 28.35 -7.20 -5.16
N SER B 31 28.98 -8.35 -4.94
CA SER B 31 30.30 -8.63 -5.49
C SER B 31 30.35 -8.54 -7.03
N ALA B 32 29.28 -9.01 -7.68
CA ALA B 32 29.23 -9.08 -9.14
C ALA B 32 28.54 -7.88 -9.79
N PHE B 33 28.13 -6.91 -8.97
CA PHE B 33 27.45 -5.72 -9.46
C PHE B 33 28.49 -4.72 -10.01
N ALA B 34 28.36 -4.37 -11.28
CA ALA B 34 29.33 -3.47 -11.92
C ALA B 34 28.68 -2.13 -12.26
N ILE B 35 29.39 -1.04 -11.98
CA ILE B 35 28.89 0.30 -12.25
C ILE B 35 29.77 0.97 -13.32
N GLY B 36 29.14 1.55 -14.34
CA GLY B 36 29.89 2.21 -15.42
C GLY B 36 30.51 3.51 -14.93
N SER B 37 31.36 4.10 -15.75
CA SER B 37 32.06 5.33 -15.37
C SER B 37 31.16 6.57 -15.27
N ASP B 38 29.94 6.47 -15.79
CA ASP B 38 28.92 7.52 -15.59
C ASP B 38 28.23 7.40 -14.23
N GLY B 39 28.40 6.25 -13.60
CA GLY B 39 27.81 5.97 -12.29
C GLY B 39 26.35 5.60 -12.37
N LEU B 40 25.85 5.39 -13.60
CA LEU B 40 24.42 5.22 -13.86
C LEU B 40 24.08 3.95 -14.62
N CYS B 41 24.99 3.49 -15.47
CA CYS B 41 24.77 2.23 -16.19
C CYS B 41 25.35 1.07 -15.37
N CYS B 42 24.48 0.14 -15.02
CA CYS B 42 24.80 -0.92 -14.07
C CYS B 42 24.51 -2.27 -14.68
N GLN B 43 25.30 -3.28 -14.33
CA GLN B 43 25.01 -4.66 -14.75
C GLN B 43 25.52 -5.68 -13.75
N SER B 44 24.87 -6.84 -13.71
CA SER B 44 25.39 -7.99 -12.98
C SER B 44 25.30 -9.18 -13.90
N ARG B 45 26.43 -9.84 -14.14
CA ARG B 45 26.47 -10.90 -15.15
C ARG B 45 26.53 -12.33 -14.58
N GLU B 46 26.38 -12.48 -13.27
CA GLU B 46 26.36 -13.83 -12.68
C GLU B 46 25.00 -14.47 -12.93
N VAL B 47 25.01 -15.61 -13.59
CA VAL B 47 23.79 -16.21 -14.17
C VAL B 47 22.71 -16.62 -13.15
N LYS B 48 23.15 -17.18 -12.02
CA LYS B 48 22.23 -17.79 -11.07
C LYS B 48 22.02 -17.01 -9.78
N GLU B 49 22.55 -15.79 -9.70
CA GLU B 49 22.52 -15.04 -8.46
C GLU B 49 22.07 -13.59 -8.59
N TRP B 50 21.37 -13.11 -7.57
CA TRP B 50 20.91 -11.73 -7.49
C TRP B 50 22.01 -10.88 -6.84
N HIS B 51 22.36 -9.77 -7.47
CA HIS B 51 23.33 -8.82 -6.91
C HIS B 51 22.73 -7.40 -6.95
N GLY B 52 22.80 -6.70 -5.82
CA GLY B 52 22.10 -5.43 -5.69
C GLY B 52 23.00 -4.25 -5.40
N CYS B 53 22.41 -3.05 -5.41
CA CYS B 53 23.15 -1.80 -5.14
C CYS B 53 22.18 -0.74 -4.62
N ARG B 54 22.69 0.26 -3.88
CA ARG B 54 21.92 1.47 -3.55
C ARG B 54 22.63 2.74 -4.06
N ALA B 55 21.86 3.81 -4.23
CA ALA B 55 22.43 5.11 -4.62
C ALA B 55 23.24 5.70 -3.48
N THR B 56 24.08 6.68 -3.84
CA THR B 56 24.96 7.38 -2.93
C THR B 56 24.21 8.30 -1.96
N LYS B 57 22.98 8.65 -2.32
CA LYS B 57 22.15 9.58 -1.56
C LYS B 57 20.71 9.09 -1.38
N GLY B 58 20.08 9.54 -0.30
CA GLY B 58 18.71 9.15 0.04
C GLY B 58 17.83 10.34 0.36
N LEU B 59 16.52 10.10 0.36
CA LEU B 59 15.53 11.16 0.52
C LEU B 59 14.84 11.07 1.88
N MET B 60 14.77 12.21 2.56
CA MET B 60 14.11 12.36 3.86
C MET B 60 12.74 13.04 3.79
N LYS B 61 12.54 13.87 2.77
CA LYS B 61 11.30 14.68 2.61
C LYS B 61 10.99 14.97 1.14
N GLY B 62 9.72 15.20 0.84
CA GLY B 62 9.33 15.68 -0.48
C GLY B 62 8.76 14.64 -1.43
N LYS B 63 8.45 15.10 -2.64
CA LYS B 63 7.85 14.25 -3.69
C LYS B 63 8.82 14.18 -4.85
N HIS B 64 9.42 13.02 -5.08
CA HIS B 64 10.46 12.93 -6.10
C HIS B 64 10.34 11.70 -7.01
N TYR B 65 11.14 11.71 -8.07
CA TYR B 65 10.98 10.78 -9.16
C TYR B 65 12.35 10.46 -9.78
N TYR B 66 12.56 9.19 -10.15
CA TYR B 66 13.68 8.83 -11.01
C TYR B 66 13.22 7.81 -12.06
N GLU B 67 14.02 7.64 -13.11
CA GLU B 67 13.72 6.71 -14.19
C GLU B 67 14.81 5.67 -14.29
N VAL B 68 14.44 4.46 -14.67
CA VAL B 68 15.40 3.42 -14.92
C VAL B 68 15.01 2.73 -16.23
N SER B 69 15.97 2.49 -17.12
CA SER B 69 15.71 1.83 -18.41
C SER B 69 16.35 0.45 -18.42
N CYS B 70 15.60 -0.57 -18.87
CA CYS B 70 16.15 -1.92 -19.04
C CYS B 70 16.84 -2.05 -20.38
N HIS B 71 18.06 -2.59 -20.36
CA HIS B 71 18.87 -2.66 -21.57
C HIS B 71 18.93 -4.07 -22.17
N ASP B 72 18.49 -5.06 -21.39
CA ASP B 72 18.40 -6.43 -21.89
C ASP B 72 17.24 -7.23 -21.27
N GLN B 73 17.24 -8.54 -21.47
CA GLN B 73 16.12 -9.38 -21.08
C GLN B 73 16.30 -10.08 -19.72
N GLY B 74 17.33 -9.71 -18.98
CA GLY B 74 17.59 -10.32 -17.67
C GLY B 74 16.62 -9.83 -16.61
N LEU B 75 16.65 -10.46 -15.44
CA LEU B 75 15.68 -10.17 -14.38
C LEU B 75 16.15 -9.02 -13.50
N CYS B 76 15.21 -8.19 -13.08
CA CYS B 76 15.56 -7.11 -12.18
C CYS B 76 14.41 -6.70 -11.29
N ARG B 77 14.73 -6.03 -10.18
CA ARG B 77 13.75 -5.33 -9.37
C ARG B 77 14.32 -3.95 -9.08
N VAL B 78 13.45 -2.94 -9.10
CA VAL B 78 13.86 -1.58 -8.82
C VAL B 78 12.94 -0.94 -7.78
N GLY B 79 13.45 0.05 -7.04
CA GLY B 79 12.63 0.70 -6.04
C GLY B 79 13.46 1.47 -5.05
N TRP B 80 13.17 1.24 -3.78
CA TRP B 80 13.76 2.03 -2.69
C TRP B 80 14.02 1.18 -1.48
N SER B 81 15.07 1.51 -0.73
CA SER B 81 15.34 0.85 0.55
C SER B 81 16.04 1.78 1.53
N THR B 82 16.00 1.41 2.81
CA THR B 82 16.74 2.16 3.82
C THR B 82 18.15 1.60 3.97
N MET B 83 18.99 2.27 4.74
CA MET B 83 20.35 1.80 5.01
C MET B 83 20.38 0.44 5.72
N GLN B 84 19.32 0.11 6.47
CA GLN B 84 19.24 -1.17 7.19
C GLN B 84 18.91 -2.37 6.30
N ALA B 85 18.45 -2.11 5.08
CA ALA B 85 17.94 -3.15 4.19
C ALA B 85 19.02 -4.03 3.56
N SER B 86 18.64 -5.27 3.29
CA SER B 86 19.41 -6.17 2.44
C SER B 86 19.49 -5.61 1.02
N LEU B 87 20.63 -5.80 0.36
CA LEU B 87 20.74 -5.37 -1.04
C LEU B 87 19.88 -6.23 -1.95
N ASP B 88 19.44 -7.40 -1.45
CA ASP B 88 18.44 -8.20 -2.13
C ASP B 88 17.08 -7.52 -1.91
N LEU B 89 16.82 -6.54 -2.77
CA LEU B 89 15.70 -5.63 -2.66
C LEU B 89 14.34 -6.31 -2.51
N GLY B 90 13.66 -6.00 -1.40
CA GLY B 90 12.31 -6.45 -1.18
C GLY B 90 12.19 -7.77 -0.43
N THR B 91 13.32 -8.34 -0.01
CA THR B 91 13.31 -9.59 0.76
C THR B 91 13.28 -9.34 2.27
N ASP B 92 13.20 -8.09 2.69
CA ASP B 92 13.03 -7.76 4.09
C ASP B 92 12.08 -6.59 4.28
N LYS B 93 11.86 -6.18 5.53
CA LYS B 93 10.87 -5.15 5.83
C LYS B 93 11.38 -3.72 5.62
N PHE B 94 12.57 -3.56 5.04
CA PHE B 94 13.15 -2.22 4.88
C PHE B 94 13.30 -1.78 3.41
N GLY B 95 12.74 -2.55 2.50
CA GLY B 95 12.87 -2.26 1.07
C GLY B 95 11.62 -2.55 0.28
N PHE B 96 11.42 -1.80 -0.80
CA PHE B 96 10.29 -1.97 -1.70
C PHE B 96 10.83 -2.14 -3.11
N GLY B 97 10.36 -3.16 -3.83
CA GLY B 97 10.79 -3.35 -5.22
C GLY B 97 9.66 -3.64 -6.18
N PHE B 98 9.91 -3.32 -7.44
CA PHE B 98 8.99 -3.65 -8.54
C PHE B 98 9.81 -4.41 -9.59
N GLY B 99 9.37 -5.63 -9.92
CA GLY B 99 10.14 -6.50 -10.82
C GLY B 99 9.51 -6.71 -12.18
N GLY B 100 10.36 -7.08 -13.14
CA GLY B 100 9.93 -7.26 -14.53
C GLY B 100 8.91 -8.34 -14.84
N THR B 101 8.64 -9.24 -13.88
CA THR B 101 7.58 -10.23 -14.06
C THR B 101 6.22 -9.71 -13.56
N GLY B 102 6.12 -8.42 -13.29
CA GLY B 102 4.86 -7.79 -12.89
C GLY B 102 4.51 -8.11 -11.45
N LYS B 103 5.50 -7.97 -10.57
CA LYS B 103 5.33 -8.25 -9.15
C LYS B 103 5.98 -7.17 -8.30
N LYS B 104 5.32 -6.81 -7.20
CA LYS B 104 5.95 -5.94 -6.21
C LYS B 104 6.41 -6.77 -5.02
N SER B 105 7.53 -6.38 -4.42
CA SER B 105 8.10 -7.16 -3.32
C SER B 105 8.43 -6.29 -2.11
N HIS B 106 8.16 -6.85 -0.94
CA HIS B 106 8.44 -6.24 0.35
C HIS B 106 8.31 -7.35 1.38
N ASN B 107 9.25 -7.39 2.32
CA ASN B 107 9.25 -8.39 3.38
C ASN B 107 9.10 -9.82 2.87
N LYS B 108 9.82 -10.16 1.79
CA LYS B 108 9.79 -11.50 1.18
C LYS B 108 8.43 -11.91 0.60
N GLN B 109 7.51 -10.96 0.51
CA GLN B 109 6.22 -11.20 -0.10
C GLN B 109 6.16 -10.58 -1.51
N PHE B 110 5.83 -11.43 -2.48
CA PHE B 110 5.76 -11.05 -3.89
C PHE B 110 4.31 -11.07 -4.35
N ASP B 111 3.76 -9.89 -4.65
CA ASP B 111 2.35 -9.73 -5.01
C ASP B 111 2.22 -9.24 -6.44
N ASN B 112 1.21 -9.69 -7.16
CA ASN B 112 0.92 -9.13 -8.49
C ASN B 112 0.75 -7.61 -8.40
N TYR B 113 1.39 -6.90 -9.33
CA TYR B 113 1.26 -5.44 -9.41
C TYR B 113 1.69 -4.99 -10.80
N GLY B 114 0.96 -4.02 -11.35
CA GLY B 114 1.42 -3.32 -12.55
C GLY B 114 1.39 -4.18 -13.79
N GLU B 115 2.46 -4.09 -14.58
CA GLU B 115 2.62 -4.89 -15.80
C GLU B 115 4.00 -5.54 -15.78
N GLU B 116 4.19 -6.54 -16.63
CA GLU B 116 5.52 -7.07 -16.95
C GLU B 116 6.33 -5.98 -17.65
N PHE B 117 7.64 -5.97 -17.44
CA PHE B 117 8.51 -5.08 -18.20
C PHE B 117 9.86 -5.74 -18.52
N THR B 118 10.51 -5.23 -19.55
CA THR B 118 11.72 -5.86 -20.07
C THR B 118 12.53 -4.85 -20.88
N MET B 119 13.44 -5.37 -21.71
CA MET B 119 14.28 -4.57 -22.60
C MET B 119 13.51 -3.49 -23.34
N HIS B 120 14.07 -2.28 -23.35
CA HIS B 120 13.50 -1.09 -24.02
C HIS B 120 12.46 -0.33 -23.19
N ASP B 121 12.07 -0.89 -22.04
CA ASP B 121 11.07 -0.25 -21.20
C ASP B 121 11.73 0.71 -20.22
N THR B 122 10.98 1.76 -19.87
CA THR B 122 11.44 2.74 -18.88
C THR B 122 10.47 2.75 -17.71
N ILE B 123 10.98 2.46 -16.52
CA ILE B 123 10.18 2.46 -15.31
C ILE B 123 10.38 3.76 -14.57
N GLY B 124 9.29 4.46 -14.28
CA GLY B 124 9.35 5.68 -13.46
C GLY B 124 9.09 5.32 -12.01
N CYS B 125 9.91 5.81 -11.11
CA CYS B 125 9.78 5.47 -9.69
C CYS B 125 9.47 6.73 -8.93
N TYR B 126 8.26 6.78 -8.36
CA TYR B 126 7.73 7.94 -7.65
C TYR B 126 7.79 7.71 -6.15
N LEU B 127 8.26 8.71 -5.41
CA LEU B 127 8.22 8.59 -3.95
C LEU B 127 7.71 9.87 -3.32
N ASP B 128 6.58 9.76 -2.64
CA ASP B 128 6.04 10.86 -1.87
C ASP B 128 6.24 10.53 -0.40
N ILE B 129 7.36 11.02 0.15
CA ILE B 129 7.73 10.76 1.54
C ILE B 129 6.76 11.40 2.51
N ASP B 130 6.21 12.55 2.16
CA ASP B 130 5.34 13.29 3.06
C ASP B 130 3.98 12.59 3.28
N LYS B 131 3.41 12.04 2.20
CA LYS B 131 2.16 11.26 2.27
C LYS B 131 2.44 9.77 2.44
N GLY B 132 3.72 9.40 2.30
CA GLY B 132 4.17 8.02 2.47
C GLY B 132 3.68 7.06 1.39
N HIS B 133 3.88 7.45 0.13
CA HIS B 133 3.41 6.69 -1.02
C HIS B 133 4.53 6.33 -1.98
N VAL B 134 4.50 5.09 -2.48
CA VAL B 134 5.42 4.59 -3.48
C VAL B 134 4.60 4.08 -4.66
N LYS B 135 4.89 4.59 -5.85
CA LYS B 135 4.26 4.07 -7.07
C LYS B 135 5.22 4.09 -8.24
N PHE B 136 4.80 3.47 -9.34
CA PHE B 136 5.66 3.31 -10.51
C PHE B 136 4.87 3.58 -11.78
N SER B 137 5.56 3.99 -12.84
CA SER B 137 4.95 4.08 -14.16
C SER B 137 5.73 3.17 -15.08
N LYS B 138 5.07 2.67 -16.13
CA LYS B 138 5.77 1.92 -17.17
C LYS B 138 5.57 2.66 -18.47
N ASN B 139 6.67 3.18 -19.02
CA ASN B 139 6.60 3.99 -20.24
C ASN B 139 5.54 5.08 -20.15
N GLY B 140 5.49 5.76 -19.00
CA GLY B 140 4.59 6.89 -18.81
C GLY B 140 3.18 6.54 -18.36
N LYS B 141 2.88 5.24 -18.31
CA LYS B 141 1.57 4.78 -17.84
C LYS B 141 1.61 4.51 -16.35
N ASP B 142 0.74 5.17 -15.60
CA ASP B 142 0.68 5.04 -14.15
C ASP B 142 0.18 3.64 -13.79
N LEU B 143 0.94 2.94 -12.95
CA LEU B 143 0.57 1.58 -12.57
C LEU B 143 -0.18 1.54 -11.23
N GLY B 144 -0.30 2.70 -10.60
CA GLY B 144 -1.04 2.84 -9.36
C GLY B 144 -0.16 2.75 -8.12
N LEU B 145 -0.75 3.05 -6.96
CA LEU B 145 -0.06 2.99 -5.68
C LEU B 145 0.40 1.56 -5.37
N ALA B 146 1.70 1.40 -5.15
CA ALA B 146 2.29 0.09 -4.86
C ALA B 146 2.42 -0.16 -3.36
N PHE B 147 2.90 0.84 -2.63
CA PHE B 147 3.17 0.70 -1.20
C PHE B 147 2.87 1.97 -0.43
N GLU B 148 2.43 1.78 0.81
CA GLU B 148 2.46 2.85 1.80
C GLU B 148 3.66 2.59 2.72
N ILE B 149 4.29 3.65 3.19
CA ILE B 149 5.44 3.52 4.09
C ILE B 149 4.90 3.15 5.47
N PRO B 150 5.27 1.96 5.98
CA PRO B 150 4.76 1.47 7.27
C PRO B 150 5.38 2.25 8.43
N PRO B 151 4.71 2.27 9.60
CA PRO B 151 5.23 3.01 10.76
C PRO B 151 6.67 2.70 11.17
N HIS B 152 7.10 1.44 11.00
CA HIS B 152 8.45 1.01 11.40
C HIS B 152 9.55 1.55 10.47
N MET B 153 9.13 2.19 9.39
CA MET B 153 10.04 2.70 8.37
C MET B 153 9.90 4.21 8.22
N LYS B 154 8.91 4.76 8.94
CA LYS B 154 8.65 6.20 8.92
C LYS B 154 9.88 6.94 9.46
N ASN B 155 10.16 8.11 8.91
CA ASN B 155 11.29 8.95 9.36
C ASN B 155 12.71 8.42 9.04
N GLN B 156 12.79 7.44 8.13
CA GLN B 156 14.06 6.90 7.69
C GLN B 156 14.27 7.26 6.22
N ALA B 157 15.51 7.62 5.86
CA ALA B 157 15.82 8.03 4.50
C ALA B 157 15.76 6.84 3.55
N LEU B 158 15.10 7.04 2.41
CA LEU B 158 14.99 6.00 1.38
C LEU B 158 15.90 6.28 0.20
N PHE B 159 16.63 5.24 -0.18
CA PHE B 159 17.65 5.29 -1.23
C PHE B 159 17.14 4.52 -2.44
N PRO B 160 17.31 5.07 -3.66
CA PRO B 160 17.06 4.28 -4.87
C PRO B 160 17.88 2.99 -4.83
N ALA B 161 17.27 1.88 -5.25
CA ALA B 161 17.91 0.60 -5.12
C ALA B 161 17.48 -0.28 -6.27
N CYS B 162 18.32 -1.25 -6.62
CA CYS B 162 17.93 -2.27 -7.57
C CYS B 162 18.62 -3.56 -7.21
N VAL B 163 18.14 -4.66 -7.79
CA VAL B 163 18.83 -5.93 -7.69
C VAL B 163 18.65 -6.59 -9.07
N LEU B 164 19.72 -7.24 -9.54
CA LEU B 164 19.80 -7.74 -10.91
C LEU B 164 20.21 -9.19 -10.94
N LYS B 165 19.70 -9.93 -11.92
CA LYS B 165 20.13 -11.29 -12.18
C LYS B 165 20.38 -11.37 -13.68
N ASN B 166 21.66 -11.29 -14.06
CA ASN B 166 22.06 -11.32 -15.47
C ASN B 166 21.35 -10.25 -16.29
N ALA B 167 21.45 -9.02 -15.82
CA ALA B 167 20.71 -7.90 -16.38
C ALA B 167 21.52 -6.61 -16.36
N GLU B 168 21.12 -5.65 -17.19
CA GLU B 168 21.72 -4.32 -17.24
C GLU B 168 20.62 -3.26 -17.23
N LEU B 169 20.79 -2.26 -16.36
CA LEU B 169 19.87 -1.12 -16.26
C LEU B 169 20.66 0.18 -16.37
N LYS B 170 19.97 1.26 -16.75
CA LYS B 170 20.56 2.60 -16.67
C LYS B 170 19.65 3.54 -15.89
N PHE B 171 20.19 4.14 -14.83
CA PHE B 171 19.42 5.09 -14.01
C PHE B 171 19.50 6.50 -14.56
N ASN B 172 18.45 7.27 -14.29
CA ASN B 172 18.42 8.70 -14.55
C ASN B 172 17.77 9.35 -13.33
N PHE B 173 18.56 10.07 -12.54
CA PHE B 173 18.05 10.74 -11.35
C PHE B 173 17.57 12.18 -11.62
N GLY B 174 17.76 12.61 -12.86
CA GLY B 174 17.29 13.92 -13.28
C GLY B 174 18.33 14.75 -14.00
N GLU B 175 19.56 14.26 -14.08
CA GLU B 175 20.60 15.05 -14.74
C GLU B 175 20.51 14.99 -16.28
N GLU B 176 19.81 13.99 -16.80
CA GLU B 176 19.45 13.94 -18.23
C GLU B 176 17.95 14.11 -18.41
N GLU B 177 17.53 14.49 -19.62
CA GLU B 177 16.09 14.55 -19.94
C GLU B 177 15.42 13.22 -19.60
N PHE B 178 14.29 13.28 -18.90
CA PHE B 178 13.50 12.08 -18.65
C PHE B 178 12.77 11.70 -19.93
N LYS B 179 12.58 10.39 -20.14
CA LYS B 179 11.81 9.92 -21.30
C LYS B 179 10.32 10.19 -21.08
N PHE B 180 9.89 10.12 -19.82
CA PHE B 180 8.49 10.36 -19.45
C PHE B 180 8.45 11.25 -18.19
N PRO B 181 8.43 12.58 -18.38
CA PRO B 181 8.46 13.53 -17.26
C PRO B 181 7.38 13.23 -16.20
N PRO B 182 7.72 13.38 -14.90
CA PRO B 182 6.80 13.05 -13.81
C PRO B 182 5.53 13.90 -13.78
N LYS B 183 4.42 13.28 -13.40
CA LYS B 183 3.17 14.00 -13.21
C LYS B 183 3.00 14.36 -11.73
N ASP B 184 2.01 15.21 -11.46
CA ASP B 184 1.45 15.40 -10.11
C ASP B 184 2.34 16.04 -9.06
N GLY B 185 3.16 17.00 -9.47
CA GLY B 185 4.03 17.72 -8.53
C GLY B 185 5.26 16.98 -8.04
N PHE B 186 5.53 15.81 -8.62
CA PHE B 186 6.78 15.09 -8.34
C PHE B 186 7.85 15.67 -9.27
N VAL B 187 9.07 15.81 -8.76
CA VAL B 187 10.16 16.31 -9.59
C VAL B 187 11.41 15.44 -9.47
N ALA B 188 12.34 15.63 -10.41
CA ALA B 188 13.60 14.90 -10.44
C ALA B 188 14.26 14.80 -9.07
N LEU B 189 14.63 13.59 -8.69
CA LEU B 189 15.34 13.31 -7.44
C LEU B 189 16.61 14.15 -7.27
N SER B 190 17.41 14.24 -8.33
CA SER B 190 18.65 15.01 -8.29
C SER B 190 18.42 16.51 -8.07
N LYS B 191 17.18 16.97 -8.25
CA LYS B 191 16.86 18.37 -8.00
C LYS B 191 16.30 18.64 -6.60
N ALA B 192 16.26 17.62 -5.76
CA ALA B 192 15.80 17.78 -4.38
C ALA B 192 16.71 18.75 -3.61
N PRO B 193 16.13 19.64 -2.78
CA PRO B 193 16.96 20.53 -1.96
C PRO B 193 17.90 19.76 -1.03
N ASP B 194 19.07 20.32 -0.79
CA ASP B 194 20.12 19.62 -0.06
C ASP B 194 19.73 19.28 1.38
N GLY B 195 18.93 20.15 1.99
CA GLY B 195 18.38 19.90 3.34
C GLY B 195 17.45 18.70 3.46
N TYR B 196 16.93 18.20 2.35
CA TYR B 196 16.02 17.04 2.38
C TYR B 196 16.70 15.74 1.94
N ILE B 197 18.02 15.80 1.77
CA ILE B 197 18.84 14.68 1.31
C ILE B 197 19.77 14.18 2.43
N VAL B 198 20.06 12.88 2.41
CA VAL B 198 21.04 12.25 3.29
C VAL B 198 22.10 11.55 2.44
N LYS B 199 23.37 11.73 2.80
CA LYS B 199 24.45 10.95 2.17
C LYS B 199 24.42 9.52 2.71
N SER B 200 24.77 8.56 1.87
CA SER B 200 24.86 7.17 2.31
C SER B 200 25.88 7.01 3.42
N GLN B 201 25.60 6.11 4.37
CA GLN B 201 26.52 5.75 5.44
C GLN B 201 27.61 4.83 4.94
N HIS B 202 27.41 4.31 3.72
CA HIS B 202 28.29 3.31 3.14
C HIS B 202 29.35 3.96 2.26
N SER B 203 30.53 4.12 2.86
CA SER B 203 31.74 4.59 2.22
C SER B 203 32.87 4.22 3.17
N GLY B 204 34.08 4.06 2.66
CA GLY B 204 35.24 3.78 3.51
C GLY B 204 35.16 2.44 4.22
N ASN B 205 35.41 2.43 5.54
CA ASN B 205 35.34 1.18 6.31
C ASN B 205 33.91 0.68 6.56
N ALA B 206 32.92 1.51 6.23
CA ALA B 206 31.51 1.19 6.41
C ALA B 206 30.86 0.71 5.10
N GLN B 207 31.71 0.25 4.19
CA GLN B 207 31.29 -0.35 2.92
C GLN B 207 30.43 -1.60 3.12
N VAL B 208 29.55 -1.83 2.15
CA VAL B 208 28.70 -3.01 2.12
C VAL B 208 28.92 -3.82 0.84
N THR B 209 28.92 -5.14 1.00
CA THR B 209 28.88 -6.07 -0.13
C THR B 209 27.93 -7.24 0.14
N GLN B 210 27.69 -8.05 -0.89
CA GLN B 210 26.90 -9.28 -0.75
C GLN B 210 27.50 -10.36 -1.63
#